data_1DGL
#
_entry.id   1DGL
#
_cell.length_a   92.110
_cell.length_b   92.110
_cell.length_c   202.820
_cell.angle_alpha   90.00
_cell.angle_beta   90.00
_cell.angle_gamma   120.00
#
_symmetry.space_group_name_H-M   'P 31 2 1'
#
loop_
_entity.id
_entity.type
_entity.pdbx_description
1 polymer LECTIN
2 branched 'alpha-D-mannopyranose-(1-3)-[alpha-D-mannopyranose-(1-6)]methyl alpha-D-mannopyranoside'
3 non-polymer 'CALCIUM ION'
4 non-polymer 'MANGANESE (II) ION'
5 water water
#
_entity_poly.entity_id   1
_entity_poly.type   'polypeptide(L)'
_entity_poly.pdbx_seq_one_letter_code
;ADTIVAVELNSYPNTDIGDPNYPHIGIDIKSIRSKSTARWNMQTGKVGTVHISYNSVAKRLSAVVSYSGSSSTTVSYDVD
LNNVLPEWVRVGLSATTGLYKETNTILSWSFTSKLKTNSIADANSLHFSFHQFSQNPKDLILQGDAFTDSDGNLELTKVS
SSGDPQGNSVGRALFYAPVHIWEKSAVVASFDATFTFLIKSPDREPADGITFFIANTDTSIPSGSGGRLLGLFPDAN
;
_entity_poly.pdbx_strand_id   A,B
#
loop_
_chem_comp.id
_chem_comp.type
_chem_comp.name
_chem_comp.formula
CA non-polymer 'CALCIUM ION' 'Ca 2'
MAN D-saccharide, alpha linking alpha-D-mannopyranose 'C6 H12 O6'
MMA D-saccharide 'methyl alpha-D-mannopyranoside' 'C7 H14 O6'
MN non-polymer 'MANGANESE (II) ION' 'Mn 2'
#
# COMPACT_ATOMS: atom_id res chain seq x y z
N ALA A 1 -9.52 -15.28 -18.35
CA ALA A 1 -8.56 -14.16 -18.63
C ALA A 1 -8.72 -13.11 -17.54
N ASP A 2 -8.09 -11.95 -17.77
CA ASP A 2 -8.17 -10.89 -16.78
C ASP A 2 -9.48 -10.15 -16.85
N THR A 3 -9.94 -9.66 -15.70
CA THR A 3 -11.15 -8.88 -15.63
C THR A 3 -10.73 -7.42 -15.59
N ILE A 4 -11.02 -6.67 -16.61
CA ILE A 4 -10.60 -5.29 -16.63
C ILE A 4 -11.76 -4.34 -16.46
N VAL A 5 -11.49 -3.21 -15.82
CA VAL A 5 -12.45 -2.14 -15.66
C VAL A 5 -11.48 -1.01 -15.93
N ALA A 6 -11.77 -0.14 -16.88
CA ALA A 6 -10.79 0.88 -17.19
C ALA A 6 -11.38 2.19 -17.63
N VAL A 7 -10.55 3.22 -17.61
CA VAL A 7 -10.94 4.52 -18.06
C VAL A 7 -9.82 4.71 -19.05
N GLU A 8 -10.17 4.85 -20.32
CA GLU A 8 -9.18 4.97 -21.36
C GLU A 8 -9.16 6.34 -21.97
N LEU A 9 -7.96 6.78 -22.29
CA LEU A 9 -7.75 8.08 -22.92
C LEU A 9 -7.23 7.62 -24.27
N ASN A 10 -8.18 7.34 -25.17
CA ASN A 10 -7.87 6.87 -26.53
C ASN A 10 -7.62 8.08 -27.43
N SER A 11 -6.40 8.19 -27.93
CA SER A 11 -6.04 9.31 -28.78
C SER A 11 -6.13 8.94 -30.25
N TYR A 12 -6.13 7.64 -30.53
CA TYR A 12 -6.23 7.15 -31.90
C TYR A 12 -7.53 6.41 -32.16
N PRO A 13 -8.34 6.93 -33.10
CA PRO A 13 -9.63 6.35 -33.48
C PRO A 13 -9.39 5.12 -34.34
N ASN A 14 -9.93 4.00 -33.89
CA ASN A 14 -9.81 2.73 -34.61
C ASN A 14 -11.29 2.41 -34.81
N THR A 15 -11.91 3.08 -35.77
CA THR A 15 -13.34 2.88 -36.05
C THR A 15 -13.71 1.44 -36.40
N ASP A 16 -12.75 0.67 -36.92
CA ASP A 16 -13.06 -0.73 -37.21
C ASP A 16 -13.41 -1.59 -35.98
N ILE A 17 -13.10 -1.09 -34.77
CA ILE A 17 -13.42 -1.82 -33.54
C ILE A 17 -14.31 -1.08 -32.59
N GLY A 18 -14.96 -0.02 -33.07
CA GLY A 18 -15.88 0.71 -32.24
C GLY A 18 -15.56 2.10 -31.76
N ASP A 19 -14.37 2.59 -32.02
CA ASP A 19 -14.02 3.93 -31.53
C ASP A 19 -14.79 5.01 -32.28
N PRO A 20 -15.00 6.15 -31.63
CA PRO A 20 -15.67 7.29 -32.24
C PRO A 20 -14.61 7.80 -33.20
N ASN A 21 -14.97 8.63 -34.16
CA ASN A 21 -13.95 9.10 -35.10
C ASN A 21 -13.22 10.35 -34.63
N TYR A 22 -12.69 10.27 -33.41
CA TYR A 22 -11.96 11.38 -32.80
C TYR A 22 -11.38 10.92 -31.49
N PRO A 23 -10.32 11.60 -31.02
CA PRO A 23 -9.72 11.22 -29.74
C PRO A 23 -10.82 11.37 -28.68
N HIS A 24 -10.91 10.39 -27.81
CA HIS A 24 -11.98 10.36 -26.83
C HIS A 24 -11.55 9.70 -25.52
N ILE A 25 -12.38 9.89 -24.50
CA ILE A 25 -12.16 9.31 -23.20
C ILE A 25 -13.34 8.38 -23.07
N GLY A 26 -13.11 7.19 -22.54
CA GLY A 26 -14.21 6.27 -22.40
C GLY A 26 -14.05 5.35 -21.20
N ILE A 27 -15.15 4.74 -20.77
CA ILE A 27 -15.18 3.85 -19.62
C ILE A 27 -15.32 2.45 -20.14
N ASP A 28 -14.31 1.60 -19.97
CA ASP A 28 -14.38 0.23 -20.45
C ASP A 28 -14.71 -0.72 -19.33
N ILE A 29 -15.64 -1.63 -19.55
CA ILE A 29 -15.99 -2.62 -18.55
C ILE A 29 -15.83 -3.89 -19.33
N LYS A 30 -14.86 -4.70 -18.94
CA LYS A 30 -14.59 -5.96 -19.60
C LYS A 30 -14.35 -6.05 -21.12
N SER A 31 -14.34 -4.94 -21.85
CA SER A 31 -14.11 -4.97 -23.31
C SER A 31 -13.50 -3.66 -23.80
N ILE A 32 -12.78 -3.68 -24.93
CA ILE A 32 -12.19 -2.45 -25.46
C ILE A 32 -13.28 -1.51 -26.00
N ARG A 33 -14.51 -2.05 -26.11
CA ARG A 33 -15.66 -1.32 -26.62
C ARG A 33 -16.32 -0.50 -25.52
N SER A 34 -15.87 0.73 -25.39
CA SER A 34 -16.37 1.61 -24.33
C SER A 34 -17.88 1.66 -24.18
N LYS A 35 -18.37 1.32 -22.99
CA LYS A 35 -19.79 1.37 -22.70
C LYS A 35 -20.26 2.84 -22.73
N SER A 36 -19.32 3.78 -22.82
CA SER A 36 -19.67 5.21 -22.84
C SER A 36 -18.43 6.02 -23.25
N THR A 37 -18.61 7.11 -23.99
CA THR A 37 -17.44 7.92 -24.40
C THR A 37 -17.76 9.40 -24.51
N ALA A 38 -16.72 10.20 -24.77
CA ALA A 38 -16.84 11.65 -24.91
C ALA A 38 -15.63 12.11 -25.69
N ARG A 39 -15.78 13.11 -26.54
CA ARG A 39 -14.62 13.53 -27.29
C ARG A 39 -13.66 14.26 -26.37
N TRP A 40 -12.39 13.92 -26.47
CA TRP A 40 -11.36 14.52 -25.68
C TRP A 40 -10.62 15.47 -26.59
N ASN A 41 -10.66 16.76 -26.29
CA ASN A 41 -9.96 17.75 -27.10
C ASN A 41 -8.49 17.72 -26.70
N MET A 42 -7.87 16.60 -27.05
CA MET A 42 -6.47 16.32 -26.76
C MET A 42 -5.52 17.44 -27.18
N GLN A 43 -4.68 17.88 -26.25
CA GLN A 43 -3.69 18.93 -26.54
C GLN A 43 -2.35 18.32 -26.26
N THR A 44 -1.55 18.10 -27.28
CA THR A 44 -0.23 17.52 -27.06
C THR A 44 0.71 18.55 -26.50
N GLY A 45 1.76 18.07 -25.85
CA GLY A 45 2.76 18.95 -25.28
C GLY A 45 2.30 19.71 -24.06
N LYS A 46 1.08 19.42 -23.61
CA LYS A 46 0.53 20.05 -22.42
C LYS A 46 0.21 18.97 -21.41
N VAL A 47 0.43 19.29 -20.15
CA VAL A 47 0.20 18.33 -19.09
C VAL A 47 -1.27 18.27 -18.78
N GLY A 48 -1.78 17.05 -18.58
CA GLY A 48 -3.20 16.90 -18.28
C GLY A 48 -3.47 16.18 -16.99
N THR A 49 -4.66 16.35 -16.45
CA THR A 49 -5.03 15.70 -15.22
C THR A 49 -6.30 14.91 -15.43
N VAL A 50 -6.34 13.71 -14.86
CA VAL A 50 -7.50 12.85 -14.96
C VAL A 50 -7.94 12.54 -13.54
N HIS A 51 -9.20 12.80 -13.20
CA HIS A 51 -9.69 12.47 -11.86
C HIS A 51 -10.73 11.37 -12.09
N ILE A 52 -10.69 10.30 -11.29
CA ILE A 52 -11.64 9.19 -11.44
C ILE A 52 -12.30 8.84 -10.11
N SER A 53 -13.61 8.69 -10.10
CA SER A 53 -14.32 8.36 -8.86
C SER A 53 -15.34 7.25 -9.03
N TYR A 54 -15.68 6.66 -7.89
CA TYR A 54 -16.66 5.60 -7.83
C TYR A 54 -17.11 5.44 -6.37
N ASN A 55 -18.40 5.14 -6.19
CA ASN A 55 -19.00 4.99 -4.87
C ASN A 55 -20.10 3.95 -5.01
N SER A 56 -20.01 2.84 -4.26
CA SER A 56 -20.98 1.76 -4.35
C SER A 56 -22.43 2.07 -3.99
N VAL A 57 -22.70 3.29 -3.54
CA VAL A 57 -24.07 3.65 -3.20
C VAL A 57 -24.58 4.39 -4.41
N ALA A 58 -23.73 5.22 -5.01
CA ALA A 58 -24.15 5.95 -6.18
C ALA A 58 -24.03 5.10 -7.46
N LYS A 59 -23.35 3.96 -7.36
CA LYS A 59 -23.15 3.07 -8.51
C LYS A 59 -22.77 3.82 -9.77
N ARG A 60 -21.97 4.86 -9.66
CA ARG A 60 -21.61 5.58 -10.86
C ARG A 60 -20.13 5.84 -10.96
N LEU A 61 -19.53 5.36 -12.03
CA LEU A 61 -18.11 5.57 -12.24
C LEU A 61 -18.02 6.82 -13.10
N SER A 62 -17.14 7.75 -12.77
CA SER A 62 -17.04 8.94 -13.59
C SER A 62 -15.58 9.37 -13.73
N ALA A 63 -15.27 10.11 -14.77
CA ALA A 63 -13.93 10.56 -15.04
C ALA A 63 -14.00 11.95 -15.66
N VAL A 64 -12.90 12.67 -15.61
CA VAL A 64 -12.84 13.99 -16.20
C VAL A 64 -11.38 14.20 -16.54
N VAL A 65 -11.13 14.98 -17.58
CA VAL A 65 -9.80 15.28 -18.09
C VAL A 65 -9.78 16.78 -18.33
N SER A 66 -8.80 17.48 -17.75
CA SER A 66 -8.69 18.92 -17.93
C SER A 66 -7.26 19.34 -18.17
N TYR A 67 -7.11 20.52 -18.76
CA TYR A 67 -5.79 21.11 -19.05
C TYR A 67 -5.87 22.46 -18.39
N SER A 68 -4.72 23.08 -18.14
CA SER A 68 -4.73 24.38 -17.50
C SER A 68 -5.36 25.38 -18.45
N GLY A 69 -6.46 25.98 -18.02
CA GLY A 69 -7.13 26.98 -18.84
C GLY A 69 -7.88 26.44 -20.03
N SER A 70 -8.23 25.16 -19.99
CA SER A 70 -8.99 24.54 -21.06
C SER A 70 -10.09 23.77 -20.40
N SER A 71 -11.27 23.81 -21.02
CA SER A 71 -12.42 23.11 -20.49
C SER A 71 -12.15 21.62 -20.32
N SER A 72 -12.93 21.02 -19.44
CA SER A 72 -12.80 19.62 -19.15
C SER A 72 -13.81 18.79 -19.92
N THR A 73 -13.47 17.54 -20.16
CA THR A 73 -14.35 16.64 -20.83
C THR A 73 -14.74 15.67 -19.70
N THR A 74 -15.98 15.25 -19.67
CA THR A 74 -16.46 14.35 -18.64
C THR A 74 -17.07 13.09 -19.23
N VAL A 75 -17.13 12.03 -18.47
CA VAL A 75 -17.74 10.81 -18.94
C VAL A 75 -18.15 10.06 -17.70
N SER A 76 -19.23 9.29 -17.78
CA SER A 76 -19.73 8.54 -16.65
C SER A 76 -20.34 7.24 -17.09
N TYR A 77 -20.78 6.44 -16.13
CA TYR A 77 -21.40 5.19 -16.46
C TYR A 77 -21.90 4.50 -15.21
N ASP A 78 -23.21 4.30 -15.13
CA ASP A 78 -23.75 3.64 -13.98
C ASP A 78 -23.39 2.15 -14.05
N VAL A 79 -22.76 1.65 -13.00
CA VAL A 79 -22.34 0.26 -12.96
C VAL A 79 -22.13 -0.16 -11.51
N ASP A 80 -22.31 -1.44 -11.23
CA ASP A 80 -22.12 -1.91 -9.87
C ASP A 80 -20.92 -2.83 -9.89
N LEU A 81 -19.74 -2.25 -9.69
CA LEU A 81 -18.47 -2.96 -9.74
C LEU A 81 -18.37 -4.23 -8.92
N ASN A 82 -19.25 -4.39 -7.92
CA ASN A 82 -19.27 -5.58 -7.08
C ASN A 82 -19.70 -6.76 -7.92
N ASN A 83 -20.32 -6.49 -9.06
CA ASN A 83 -20.77 -7.54 -9.96
C ASN A 83 -19.76 -7.78 -11.03
N VAL A 84 -18.88 -6.81 -11.23
CA VAL A 84 -17.88 -6.93 -12.26
C VAL A 84 -16.53 -7.44 -11.77
N LEU A 85 -16.07 -6.85 -10.67
CA LEU A 85 -14.76 -7.19 -10.14
C LEU A 85 -14.78 -8.14 -8.97
N PRO A 86 -13.64 -8.78 -8.72
CA PRO A 86 -13.54 -9.71 -7.59
C PRO A 86 -13.21 -8.85 -6.36
N GLU A 87 -13.33 -9.43 -5.17
CA GLU A 87 -13.04 -8.72 -3.91
C GLU A 87 -11.67 -8.04 -3.87
N TRP A 88 -10.63 -8.79 -4.24
CA TRP A 88 -9.27 -8.26 -4.25
C TRP A 88 -8.85 -7.95 -5.65
N VAL A 89 -8.43 -6.72 -5.89
CA VAL A 89 -8.00 -6.30 -7.21
C VAL A 89 -6.63 -5.64 -7.11
N ARG A 90 -6.13 -5.16 -8.23
CA ARG A 90 -4.84 -4.51 -8.23
C ARG A 90 -4.95 -3.43 -9.28
N VAL A 91 -4.78 -2.18 -8.87
CA VAL A 91 -4.88 -1.05 -9.78
C VAL A 91 -3.57 -0.85 -10.50
N GLY A 92 -3.59 -0.02 -11.53
CA GLY A 92 -2.42 0.29 -12.35
C GLY A 92 -2.76 1.27 -13.48
N LEU A 93 -1.78 1.57 -14.33
CA LEU A 93 -1.96 2.47 -15.47
C LEU A 93 -1.30 1.76 -16.66
N SER A 94 -1.81 1.98 -17.88
CA SER A 94 -1.21 1.31 -19.06
C SER A 94 -1.14 2.25 -20.25
N ALA A 95 -0.38 1.87 -21.27
CA ALA A 95 -0.26 2.69 -22.46
C ALA A 95 0.35 1.86 -23.57
N THR A 96 0.23 2.37 -24.80
CA THR A 96 0.75 1.68 -25.97
C THR A 96 0.98 2.61 -27.13
N THR A 97 1.69 2.11 -28.12
CA THR A 97 1.96 2.80 -29.37
C THR A 97 1.85 1.66 -30.39
N GLY A 98 1.48 2.00 -31.60
CA GLY A 98 1.34 0.99 -32.62
C GLY A 98 2.09 1.46 -33.81
N LEU A 99 1.39 1.65 -34.92
CA LEU A 99 2.04 2.14 -36.11
C LEU A 99 2.49 3.55 -35.81
N TYR A 100 1.66 4.29 -35.11
CA TYR A 100 2.00 5.65 -34.74
C TYR A 100 2.42 5.66 -33.27
N LYS A 101 2.95 6.78 -32.79
CA LYS A 101 3.44 6.83 -31.42
C LYS A 101 3.36 8.21 -30.76
N GLU A 102 3.40 8.21 -29.44
CA GLU A 102 3.36 9.42 -28.63
C GLU A 102 4.09 9.06 -27.34
N THR A 103 4.43 10.04 -26.51
CA THR A 103 5.06 9.74 -25.24
C THR A 103 3.94 9.56 -24.23
N ASN A 104 3.97 8.47 -23.48
CA ASN A 104 2.96 8.22 -22.46
C ASN A 104 3.63 8.42 -21.09
N THR A 105 3.93 9.68 -20.83
CA THR A 105 4.59 10.07 -19.61
C THR A 105 3.64 10.39 -18.47
N ILE A 106 3.71 9.61 -17.41
CA ILE A 106 2.91 9.84 -16.22
C ILE A 106 3.78 10.63 -15.23
N LEU A 107 3.32 11.83 -14.89
CA LEU A 107 4.00 12.72 -13.98
C LEU A 107 3.58 12.56 -12.54
N SER A 108 2.40 12.04 -12.26
CA SER A 108 1.99 11.89 -10.88
C SER A 108 0.89 10.87 -10.83
N TRP A 109 0.53 10.44 -9.65
CA TRP A 109 -0.50 9.43 -9.54
C TRP A 109 -0.80 9.22 -8.07
N SER A 110 -2.10 9.22 -7.77
CA SER A 110 -2.58 9.05 -6.43
C SER A 110 -3.78 8.11 -6.51
N PHE A 111 -4.11 7.48 -5.38
CA PHE A 111 -5.23 6.56 -5.32
C PHE A 111 -5.63 6.38 -3.86
N THR A 112 -6.93 6.25 -3.62
CA THR A 112 -7.45 6.09 -2.27
C THR A 112 -8.64 5.16 -2.39
N SER A 113 -8.84 4.30 -1.41
CA SER A 113 -9.91 3.36 -1.41
C SER A 113 -10.40 3.26 0.03
N LYS A 114 -11.70 3.05 0.22
CA LYS A 114 -12.32 2.94 1.54
C LYS A 114 -13.23 1.75 1.55
N LEU A 115 -13.41 1.16 2.70
CA LEU A 115 -14.31 0.06 2.81
C LEU A 115 -15.02 0.43 4.09
N LYS A 116 -15.99 1.33 4.00
CA LYS A 116 -16.73 1.80 5.18
C LYS A 116 -17.63 0.76 5.79
N THR A 117 -18.10 1.05 7.00
CA THR A 117 -19.02 0.21 7.76
C THR A 117 -19.77 1.05 8.80
N ASN A 118 -20.23 0.38 9.84
CA ASN A 118 -20.99 1.02 10.92
C ASN A 118 -20.13 1.82 11.91
N SER A 119 -19.77 3.04 11.50
CA SER A 119 -18.98 4.00 12.27
C SER A 119 -18.18 4.84 11.32
N ILE A 120 -17.49 5.84 11.86
CA ILE A 120 -16.62 6.66 11.04
C ILE A 120 -15.23 6.04 11.28
N ALA A 121 -15.07 4.85 10.71
CA ALA A 121 -13.86 4.07 10.82
C ALA A 121 -13.97 3.11 9.66
N ASP A 122 -13.40 3.51 8.53
CA ASP A 122 -13.45 2.67 7.35
C ASP A 122 -12.68 1.41 7.68
N ALA A 123 -13.42 0.31 7.86
CA ALA A 123 -12.84 -1.01 8.18
C ALA A 123 -11.54 -1.30 7.41
N ASN A 124 -11.34 -0.55 6.33
CA ASN A 124 -10.16 -0.69 5.54
C ASN A 124 -9.99 0.64 4.85
N SER A 125 -8.77 0.93 4.46
CA SER A 125 -8.44 2.17 3.79
C SER A 125 -7.08 1.92 3.17
N LEU A 126 -6.83 2.53 2.03
CA LEU A 126 -5.52 2.39 1.40
C LEU A 126 -5.33 3.67 0.65
N HIS A 127 -4.12 4.19 0.67
CA HIS A 127 -3.86 5.40 -0.03
C HIS A 127 -2.41 5.45 -0.37
N PHE A 128 -2.11 5.91 -1.58
CA PHE A 128 -0.75 6.08 -1.97
C PHE A 128 -0.72 7.32 -2.84
N SER A 129 0.43 7.99 -2.89
CA SER A 129 0.56 9.22 -3.66
C SER A 129 1.99 9.27 -4.20
N PHE A 130 2.16 9.77 -5.41
CA PHE A 130 3.48 9.86 -6.01
C PHE A 130 3.49 11.19 -6.70
N HIS A 131 4.44 12.04 -6.36
CA HIS A 131 4.55 13.32 -7.04
C HIS A 131 5.84 13.29 -7.81
N GLN A 132 6.51 12.15 -7.72
CA GLN A 132 7.77 11.92 -8.39
C GLN A 132 7.97 10.43 -8.27
N PHE A 133 8.58 9.85 -9.28
CA PHE A 133 8.86 8.43 -9.32
C PHE A 133 10.33 8.11 -9.05
N SER A 134 10.52 7.14 -8.17
CA SER A 134 11.83 6.70 -7.76
C SER A 134 12.58 6.03 -8.91
N GLN A 135 13.90 6.12 -8.89
CA GLN A 135 14.74 5.50 -9.92
C GLN A 135 14.55 4.00 -9.93
N ASN A 136 14.13 3.46 -8.79
CA ASN A 136 13.87 2.04 -8.68
C ASN A 136 12.67 1.87 -7.78
N PRO A 137 11.45 1.89 -8.36
CA PRO A 137 10.25 1.74 -7.55
C PRO A 137 10.19 0.35 -6.99
N LYS A 138 10.27 0.24 -5.67
CA LYS A 138 10.19 -1.06 -5.04
C LYS A 138 8.72 -1.31 -4.79
N ASP A 139 7.89 -0.27 -4.92
CA ASP A 139 6.45 -0.42 -4.69
C ASP A 139 5.54 -0.46 -5.97
N LEU A 140 6.17 -0.47 -7.14
CA LEU A 140 5.46 -0.58 -8.38
C LEU A 140 5.77 -1.95 -9.01
N ILE A 141 4.92 -2.40 -9.91
CA ILE A 141 5.17 -3.64 -10.62
C ILE A 141 5.16 -3.15 -12.04
N LEU A 142 6.35 -2.94 -12.60
CA LEU A 142 6.42 -2.45 -13.95
C LEU A 142 6.29 -3.64 -14.88
N GLN A 143 5.39 -3.51 -15.85
CA GLN A 143 5.10 -4.53 -16.84
C GLN A 143 5.44 -4.05 -18.25
N GLY A 144 6.04 -4.93 -19.03
CA GLY A 144 6.36 -4.56 -20.39
C GLY A 144 7.52 -3.61 -20.56
N ASP A 145 7.29 -2.47 -21.19
CA ASP A 145 8.33 -1.48 -21.43
C ASP A 145 8.29 -0.31 -20.47
N ALA A 146 7.45 -0.42 -19.46
CA ALA A 146 7.34 0.68 -18.51
C ALA A 146 8.66 0.82 -17.77
N PHE A 147 8.96 2.06 -17.38
CA PHE A 147 10.17 2.36 -16.64
C PHE A 147 10.15 3.81 -16.16
N THR A 148 10.81 4.06 -15.04
CA THR A 148 10.91 5.41 -14.49
C THR A 148 12.21 5.99 -15.00
N ASP A 149 12.15 7.21 -15.53
CA ASP A 149 13.34 7.82 -16.06
C ASP A 149 14.07 8.66 -15.03
N SER A 150 15.21 9.19 -15.47
CA SER A 150 16.08 10.03 -14.68
C SER A 150 15.40 11.21 -14.00
N ASP A 151 14.34 11.73 -14.60
CA ASP A 151 13.65 12.86 -14.01
C ASP A 151 12.56 12.47 -13.06
N GLY A 152 12.52 11.19 -12.70
CA GLY A 152 11.49 10.71 -11.80
C GLY A 152 10.11 10.64 -12.43
N ASN A 153 10.07 10.57 -13.75
CA ASN A 153 8.82 10.49 -14.50
C ASN A 153 8.60 9.03 -14.81
N LEU A 154 7.34 8.59 -14.88
CA LEU A 154 7.07 7.19 -15.23
C LEU A 154 6.77 7.16 -16.73
N GLU A 155 7.46 6.29 -17.46
CA GLU A 155 7.30 6.17 -18.90
C GLU A 155 6.76 4.81 -19.18
N LEU A 156 5.47 4.74 -19.54
CA LEU A 156 4.83 3.46 -19.82
C LEU A 156 5.27 2.80 -21.12
N THR A 157 5.60 3.61 -22.11
CA THR A 157 6.04 3.08 -23.39
C THR A 157 7.42 3.61 -23.81
N LYS A 158 8.13 2.79 -24.58
CA LYS A 158 9.47 3.09 -25.06
C LYS A 158 9.67 4.49 -25.57
N VAL A 159 10.75 5.09 -25.08
CA VAL A 159 11.15 6.44 -25.46
C VAL A 159 12.67 6.30 -25.51
N SER A 160 13.29 6.99 -26.46
CA SER A 160 14.74 6.92 -26.65
C SER A 160 15.50 8.03 -25.92
N SER A 161 16.82 7.97 -26.06
CA SER A 161 17.75 8.93 -25.48
C SER A 161 17.27 10.37 -25.71
N SER A 162 17.06 10.71 -26.97
CA SER A 162 16.63 12.05 -27.36
C SER A 162 15.28 12.42 -26.76
N GLY A 163 14.52 11.40 -26.35
CA GLY A 163 13.22 11.63 -25.78
C GLY A 163 12.14 11.34 -26.80
N ASP A 164 12.53 10.69 -27.89
CA ASP A 164 11.58 10.36 -28.95
C ASP A 164 10.93 9.03 -28.66
N PRO A 165 9.60 9.02 -28.65
CA PRO A 165 8.79 7.81 -28.38
C PRO A 165 9.01 6.77 -29.46
N GLN A 166 8.78 5.52 -29.13
CA GLN A 166 8.95 4.47 -30.12
C GLN A 166 7.62 3.80 -30.43
N GLY A 167 7.48 3.35 -31.67
CA GLY A 167 6.27 2.69 -32.06
C GLY A 167 6.25 1.27 -31.55
N ASN A 168 5.07 0.70 -31.51
CA ASN A 168 4.87 -0.68 -31.08
C ASN A 168 5.30 -0.96 -29.65
N SER A 169 5.02 -0.02 -28.77
CA SER A 169 5.40 -0.22 -27.40
C SER A 169 4.18 -0.47 -26.53
N VAL A 170 4.38 -1.26 -25.49
CA VAL A 170 3.35 -1.59 -24.51
C VAL A 170 4.05 -1.49 -23.15
N GLY A 171 3.32 -1.09 -22.13
CA GLY A 171 3.87 -0.99 -20.80
C GLY A 171 2.82 -0.68 -19.76
N ARG A 172 2.96 -1.28 -18.59
CA ARG A 172 2.01 -1.05 -17.51
C ARG A 172 2.77 -0.87 -16.20
N ALA A 173 2.09 -0.36 -15.17
CA ALA A 173 2.67 -0.16 -13.86
C ALA A 173 1.54 -0.39 -12.86
N LEU A 174 1.61 -1.47 -12.11
CA LEU A 174 0.60 -1.76 -11.12
C LEU A 174 1.14 -1.41 -9.73
N PHE A 175 0.28 -0.95 -8.83
CA PHE A 175 0.74 -0.66 -7.48
C PHE A 175 1.01 -2.04 -6.91
N TYR A 176 1.90 -2.12 -5.93
CA TYR A 176 2.30 -3.39 -5.36
C TYR A 176 1.31 -4.10 -4.46
N ALA A 177 0.65 -3.38 -3.57
CA ALA A 177 -0.31 -4.03 -2.66
C ALA A 177 -1.70 -4.26 -3.24
N PRO A 178 -2.16 -5.51 -3.30
CA PRO A 178 -3.52 -5.73 -3.82
C PRO A 178 -4.53 -4.94 -2.95
N VAL A 179 -5.56 -4.38 -3.57
CA VAL A 179 -6.55 -3.61 -2.84
C VAL A 179 -7.80 -4.46 -2.62
N HIS A 180 -8.44 -4.31 -1.47
CA HIS A 180 -9.66 -5.04 -1.14
C HIS A 180 -10.72 -4.02 -1.53
N ILE A 181 -11.24 -4.13 -2.76
CA ILE A 181 -12.21 -3.18 -3.30
C ILE A 181 -13.66 -3.34 -2.83
N TRP A 182 -14.01 -4.51 -2.31
CA TRP A 182 -15.35 -4.69 -1.77
C TRP A 182 -15.40 -5.92 -0.91
N GLU A 183 -16.32 -5.93 0.04
CA GLU A 183 -16.48 -7.07 0.90
C GLU A 183 -17.97 -7.21 1.11
N LYS A 184 -18.42 -8.45 1.13
CA LYS A 184 -19.84 -8.76 1.29
C LYS A 184 -20.53 -7.98 2.40
N SER A 185 -19.85 -7.83 3.53
CA SER A 185 -20.42 -7.13 4.65
C SER A 185 -20.15 -5.62 4.67
N ALA A 186 -19.70 -5.07 3.55
CA ALA A 186 -19.39 -3.63 3.49
C ALA A 186 -20.65 -2.78 3.26
N VAL A 187 -20.66 -1.57 3.80
CA VAL A 187 -21.82 -0.69 3.63
C VAL A 187 -21.60 0.26 2.45
N VAL A 188 -20.38 0.76 2.31
CA VAL A 188 -20.04 1.64 1.21
C VAL A 188 -18.63 1.23 0.80
N ALA A 189 -18.27 1.50 -0.44
CA ALA A 189 -16.93 1.23 -0.93
C ALA A 189 -16.65 2.38 -1.87
N SER A 190 -15.52 3.03 -1.71
CA SER A 190 -15.20 4.16 -2.56
C SER A 190 -13.78 4.00 -3.04
N PHE A 191 -13.39 4.88 -3.93
CA PHE A 191 -12.04 4.94 -4.44
C PHE A 191 -11.99 6.13 -5.37
N ASP A 192 -10.90 6.88 -5.30
CA ASP A 192 -10.70 8.05 -6.14
C ASP A 192 -9.28 7.89 -6.63
N ALA A 193 -8.97 8.44 -7.78
CA ALA A 193 -7.63 8.31 -8.28
C ALA A 193 -7.40 9.53 -9.12
N THR A 194 -6.14 9.93 -9.26
CA THR A 194 -5.78 11.10 -10.05
C THR A 194 -4.46 10.71 -10.64
N PHE A 195 -4.15 11.26 -11.81
CA PHE A 195 -2.88 11.00 -12.43
C PHE A 195 -2.66 12.11 -13.42
N THR A 196 -1.40 12.41 -13.66
CA THR A 196 -1.01 13.49 -14.52
C THR A 196 -0.20 12.92 -15.66
N PHE A 197 -0.29 13.50 -16.85
CA PHE A 197 0.42 12.89 -17.97
C PHE A 197 0.80 13.91 -19.00
N LEU A 198 1.74 13.51 -19.83
CA LEU A 198 2.20 14.38 -20.86
C LEU A 198 2.38 13.52 -22.08
N ILE A 199 1.63 13.88 -23.11
CA ILE A 199 1.65 13.16 -24.36
C ILE A 199 2.19 14.15 -25.37
N LYS A 200 3.27 13.76 -26.02
CA LYS A 200 3.91 14.57 -27.03
C LYS A 200 4.08 13.62 -28.19
N SER A 201 3.89 14.11 -29.41
CA SER A 201 4.03 13.23 -30.56
C SER A 201 4.57 13.85 -31.82
N PRO A 202 5.46 13.14 -32.52
CA PRO A 202 6.07 13.61 -33.76
C PRO A 202 5.11 13.54 -34.96
N ASP A 203 4.45 12.39 -35.15
CA ASP A 203 3.51 12.22 -36.27
C ASP A 203 2.17 12.92 -36.04
N ARG A 204 1.51 13.33 -37.12
CA ARG A 204 0.25 14.06 -37.02
C ARG A 204 -0.91 13.32 -36.35
N GLU A 205 -0.88 12.00 -36.37
CA GLU A 205 -1.92 11.22 -35.71
C GLU A 205 -1.22 10.41 -34.61
N PRO A 206 -1.29 10.87 -33.36
CA PRO A 206 -0.68 10.21 -32.21
C PRO A 206 -1.46 8.97 -31.88
N ALA A 207 -0.79 7.96 -31.34
CA ALA A 207 -1.46 6.74 -30.97
C ALA A 207 -0.61 6.10 -29.90
N ASP A 208 -1.19 5.25 -29.06
CA ASP A 208 -2.60 4.89 -29.10
C ASP A 208 -3.34 5.43 -27.87
N GLY A 209 -2.68 5.43 -26.72
CA GLY A 209 -3.32 5.94 -25.52
C GLY A 209 -2.84 5.41 -24.19
N ILE A 210 -3.43 5.96 -23.12
CA ILE A 210 -3.11 5.60 -21.75
C ILE A 210 -4.43 5.23 -21.10
N THR A 211 -4.39 4.38 -20.09
CA THR A 211 -5.61 4.00 -19.38
C THR A 211 -5.26 3.87 -17.91
N PHE A 212 -6.26 4.00 -17.05
CA PHE A 212 -6.11 3.75 -15.63
C PHE A 212 -7.02 2.53 -15.54
N PHE A 213 -6.57 1.45 -14.89
CA PHE A 213 -7.39 0.26 -14.84
C PHE A 213 -7.30 -0.53 -13.55
N ILE A 214 -8.40 -1.16 -13.20
CA ILE A 214 -8.49 -1.97 -12.01
C ILE A 214 -8.55 -3.37 -12.61
N ALA A 215 -7.96 -4.36 -11.98
CA ALA A 215 -7.93 -5.72 -12.54
C ALA A 215 -7.72 -6.75 -11.46
N ASN A 216 -7.79 -8.02 -11.85
CA ASN A 216 -7.57 -9.10 -10.90
C ASN A 216 -6.11 -9.02 -10.48
N THR A 217 -5.85 -9.41 -9.24
CA THR A 217 -4.51 -9.32 -8.67
C THR A 217 -3.36 -9.76 -9.53
N ASP A 218 -3.59 -10.79 -10.34
CA ASP A 218 -2.53 -11.31 -11.22
C ASP A 218 -2.56 -10.81 -12.67
N THR A 219 -3.23 -9.71 -12.93
CA THR A 219 -3.30 -9.22 -14.29
C THR A 219 -1.93 -9.07 -14.93
N SER A 220 -1.70 -9.71 -16.06
CA SER A 220 -0.43 -9.54 -16.79
C SER A 220 -0.73 -9.07 -18.22
N ILE A 221 0.26 -8.61 -18.96
CA ILE A 221 0.01 -8.14 -20.31
C ILE A 221 -0.48 -9.24 -21.24
N PRO A 222 -1.70 -9.10 -21.77
CA PRO A 222 -2.28 -10.09 -22.67
C PRO A 222 -1.48 -10.16 -23.95
N SER A 223 -1.46 -11.34 -24.56
CA SER A 223 -0.75 -11.48 -25.81
C SER A 223 -1.57 -10.79 -26.92
N GLY A 224 -0.86 -10.14 -27.84
CA GLY A 224 -1.53 -9.43 -28.90
C GLY A 224 -2.38 -8.26 -28.46
N SER A 225 -2.23 -7.82 -27.21
CA SER A 225 -2.98 -6.69 -26.69
C SER A 225 -2.38 -5.31 -27.01
N GLY A 226 -1.40 -5.28 -27.91
CA GLY A 226 -0.74 -4.02 -28.26
C GLY A 226 -1.57 -3.05 -29.07
N GLY A 227 -0.95 -1.95 -29.46
CA GLY A 227 -1.64 -0.95 -30.25
C GLY A 227 -3.00 -0.59 -29.68
N ARG A 228 -3.98 -0.49 -30.58
CA ARG A 228 -5.37 -0.16 -30.26
C ARG A 228 -5.99 -0.85 -29.04
N LEU A 229 -5.48 -2.01 -28.65
CA LEU A 229 -6.01 -2.74 -27.48
C LEU A 229 -5.45 -2.30 -26.09
N LEU A 230 -4.60 -1.27 -26.10
CA LEU A 230 -4.01 -0.67 -24.88
C LEU A 230 -3.40 -1.61 -23.78
N GLY A 231 -2.91 -2.78 -24.17
CA GLY A 231 -2.33 -3.71 -23.22
C GLY A 231 -3.31 -4.26 -22.19
N LEU A 232 -4.60 -4.17 -22.47
CA LEU A 232 -5.60 -4.65 -21.51
C LEU A 232 -6.33 -5.90 -21.97
N PHE A 233 -6.63 -5.95 -23.25
CA PHE A 233 -7.39 -7.07 -23.78
C PHE A 233 -6.70 -7.80 -24.92
N PRO A 234 -6.97 -9.09 -25.03
CA PRO A 234 -6.41 -9.98 -26.06
C PRO A 234 -7.03 -9.69 -27.44
N ASP A 235 -8.36 -9.56 -27.45
CA ASP A 235 -9.12 -9.32 -28.67
C ASP A 235 -9.90 -8.03 -28.56
N ALA A 236 -10.72 -7.75 -29.57
CA ALA A 236 -11.51 -6.54 -29.58
C ALA A 236 -12.99 -6.85 -29.38
N ASN A 237 -13.30 -7.99 -28.79
CA ASN A 237 -14.70 -8.32 -28.58
C ASN A 237 -15.29 -7.46 -27.49
N ALA B 1 22.01 -10.55 7.88
CA ALA B 1 21.02 -10.34 8.98
C ALA B 1 20.07 -9.21 8.60
N ASP B 2 18.95 -9.14 9.30
CA ASP B 2 17.97 -8.10 9.01
C ASP B 2 18.34 -6.89 9.86
N THR B 3 18.05 -5.72 9.34
CA THR B 3 18.27 -4.47 10.02
C THR B 3 16.93 -4.09 10.66
N ILE B 4 16.72 -4.46 11.91
CA ILE B 4 15.48 -4.17 12.63
C ILE B 4 15.47 -2.88 13.45
N VAL B 5 14.30 -2.29 13.62
CA VAL B 5 14.11 -1.11 14.47
C VAL B 5 12.72 -1.41 14.97
N ALA B 6 12.56 -1.58 16.26
CA ALA B 6 11.27 -1.96 16.77
C ALA B 6 10.86 -1.19 18.00
N VAL B 7 9.62 -1.43 18.42
CA VAL B 7 9.04 -0.84 19.60
C VAL B 7 8.42 -2.09 20.18
N GLU B 8 8.81 -2.46 21.39
CA GLU B 8 8.32 -3.68 21.96
C GLU B 8 7.51 -3.46 23.19
N LEU B 9 6.58 -4.37 23.38
CA LEU B 9 5.73 -4.38 24.55
C LEU B 9 6.15 -5.72 25.15
N ASN B 10 7.19 -5.66 25.96
CA ASN B 10 7.75 -6.82 26.61
C ASN B 10 6.99 -7.10 27.89
N SER B 11 6.29 -8.22 27.90
CA SER B 11 5.50 -8.62 29.06
C SER B 11 6.34 -9.45 30.04
N TYR B 12 7.35 -10.14 29.53
CA TYR B 12 8.21 -10.98 30.35
C TYR B 12 9.64 -10.49 30.48
N PRO B 13 10.09 -10.31 31.73
CA PRO B 13 11.42 -9.85 32.10
C PRO B 13 12.47 -10.93 31.91
N ASN B 14 13.45 -10.64 31.08
CA ASN B 14 14.56 -11.55 30.87
C ASN B 14 15.70 -10.60 31.22
N THR B 15 15.84 -10.37 32.52
CA THR B 15 16.82 -9.46 33.11
C THR B 15 18.24 -9.74 32.65
N ASP B 16 18.54 -11.02 32.46
CA ASP B 16 19.85 -11.46 32.02
C ASP B 16 20.22 -11.02 30.61
N ILE B 17 19.30 -10.45 29.86
CA ILE B 17 19.63 -9.99 28.50
C ILE B 17 19.33 -8.53 28.29
N GLY B 18 18.94 -7.85 29.36
CA GLY B 18 18.70 -6.43 29.25
C GLY B 18 17.39 -5.97 29.83
N ASP B 19 16.49 -6.90 30.10
CA ASP B 19 15.20 -6.45 30.59
C ASP B 19 15.18 -5.95 32.00
N PRO B 20 14.42 -4.87 32.23
CA PRO B 20 14.31 -4.38 33.60
C PRO B 20 13.42 -5.45 34.22
N ASN B 21 13.35 -5.52 35.54
CA ASN B 21 12.54 -6.57 36.13
C ASN B 21 11.09 -6.17 36.32
N TYR B 22 10.43 -5.94 35.18
CA TYR B 22 9.02 -5.58 35.12
C TYR B 22 8.56 -5.41 33.67
N PRO B 23 7.25 -5.53 33.43
CA PRO B 23 6.73 -5.37 32.07
C PRO B 23 7.17 -3.98 31.63
N HIS B 24 7.65 -3.88 30.41
CA HIS B 24 8.13 -2.60 29.96
C HIS B 24 7.89 -2.42 28.46
N ILE B 25 7.94 -1.18 28.01
CA ILE B 25 7.81 -0.87 26.61
C ILE B 25 9.18 -0.33 26.26
N GLY B 26 9.77 -0.80 25.19
CA GLY B 26 11.09 -0.32 24.84
C GLY B 26 11.23 0.00 23.37
N ILE B 27 12.34 0.66 23.02
CA ILE B 27 12.64 1.01 21.64
C ILE B 27 13.89 0.18 21.35
N ASP B 28 13.90 -0.55 20.25
CA ASP B 28 15.02 -1.41 19.92
C ASP B 28 15.65 -1.01 18.61
N ILE B 29 16.92 -0.67 18.61
CA ILE B 29 17.57 -0.33 17.36
C ILE B 29 18.59 -1.44 17.14
N LYS B 30 18.39 -2.24 16.10
CA LYS B 30 19.29 -3.33 15.77
C LYS B 30 19.69 -4.34 16.84
N SER B 31 18.94 -4.44 17.94
CA SER B 31 19.25 -5.44 18.97
C SER B 31 18.11 -5.55 20.00
N ILE B 32 18.01 -6.70 20.66
CA ILE B 32 16.97 -6.91 21.63
C ILE B 32 17.18 -6.06 22.88
N ARG B 33 18.37 -5.52 23.01
CA ARG B 33 18.70 -4.71 24.16
C ARG B 33 18.25 -3.28 23.96
N SER B 34 17.05 -2.98 24.45
CA SER B 34 16.47 -1.65 24.27
C SER B 34 17.34 -0.46 24.60
N LYS B 35 17.38 0.49 23.69
CA LYS B 35 18.11 1.72 23.89
C LYS B 35 17.37 2.61 24.86
N SER B 36 16.16 2.21 25.25
CA SER B 36 15.36 3.00 26.17
C SER B 36 14.13 2.19 26.56
N THR B 37 13.72 2.26 27.82
CA THR B 37 12.55 1.51 28.26
C THR B 37 11.74 2.30 29.26
N ALA B 38 10.61 1.75 29.66
CA ALA B 38 9.73 2.38 30.61
C ALA B 38 8.84 1.32 31.20
N ARG B 39 8.41 1.55 32.42
CA ARG B 39 7.58 0.58 33.07
C ARG B 39 6.20 0.66 32.44
N TRP B 40 5.69 -0.50 32.04
CA TRP B 40 4.39 -0.61 31.43
C TRP B 40 3.49 -1.33 32.44
N ASN B 41 2.44 -0.64 32.87
CA ASN B 41 1.52 -1.25 33.83
C ASN B 41 0.56 -2.17 33.07
N MET B 42 1.11 -3.19 32.45
CA MET B 42 0.35 -4.14 31.67
C MET B 42 -0.89 -4.64 32.39
N GLN B 43 -2.03 -4.52 31.69
CA GLN B 43 -3.32 -4.99 32.21
C GLN B 43 -3.87 -6.07 31.31
N THR B 44 -3.82 -7.29 31.81
CA THR B 44 -4.32 -8.43 31.07
C THR B 44 -5.81 -8.29 31.02
N GLY B 45 -6.40 -8.66 29.88
CA GLY B 45 -7.84 -8.59 29.73
C GLY B 45 -8.44 -7.28 29.23
N LYS B 46 -7.67 -6.21 29.21
CA LYS B 46 -8.18 -4.97 28.71
C LYS B 46 -7.56 -4.76 27.36
N VAL B 47 -8.23 -3.98 26.53
CA VAL B 47 -7.72 -3.72 25.20
C VAL B 47 -6.85 -2.49 25.34
N GLY B 48 -5.67 -2.54 24.74
CA GLY B 48 -4.78 -1.39 24.82
C GLY B 48 -4.48 -0.82 23.47
N THR B 49 -4.01 0.43 23.47
CA THR B 49 -3.69 1.15 22.25
C THR B 49 -2.23 1.63 22.27
N VAL B 50 -1.55 1.51 21.14
CA VAL B 50 -0.18 1.94 21.00
C VAL B 50 -0.08 2.94 19.86
N HIS B 51 0.48 4.12 20.14
CA HIS B 51 0.70 5.15 19.12
C HIS B 51 2.24 5.26 18.98
N ILE B 52 2.75 5.47 17.78
CA ILE B 52 4.19 5.56 17.55
C ILE B 52 4.44 6.62 16.50
N SER B 53 5.43 7.47 16.67
CA SER B 53 5.70 8.49 15.66
C SER B 53 7.17 8.73 15.44
N TYR B 54 7.49 9.36 14.32
CA TYR B 54 8.84 9.68 13.98
C TYR B 54 8.80 10.80 12.99
N ASN B 55 9.72 11.75 13.13
CA ASN B 55 9.84 12.90 12.25
C ASN B 55 11.34 13.14 12.09
N SER B 56 11.85 12.97 10.89
CA SER B 56 13.28 13.10 10.63
C SER B 56 13.89 14.45 10.95
N VAL B 57 13.09 15.46 11.29
CA VAL B 57 13.70 16.72 11.65
C VAL B 57 13.81 16.65 13.16
N ALA B 58 12.69 16.38 13.83
CA ALA B 58 12.72 16.26 15.27
C ALA B 58 13.71 15.12 15.64
N LYS B 59 13.95 14.22 14.70
CA LYS B 59 14.85 13.10 14.91
C LYS B 59 14.59 12.32 16.17
N ARG B 60 13.37 12.34 16.66
CA ARG B 60 13.00 11.61 17.87
C ARG B 60 11.90 10.59 17.60
N LEU B 61 12.08 9.36 18.10
CA LEU B 61 11.12 8.28 17.95
C LEU B 61 10.34 8.14 19.27
N SER B 62 9.01 8.19 19.24
CA SER B 62 8.18 8.07 20.46
C SER B 62 7.16 6.94 20.43
N ALA B 63 6.63 6.61 21.60
CA ALA B 63 5.62 5.56 21.70
C ALA B 63 4.88 5.68 23.00
N VAL B 64 3.55 5.56 22.96
CA VAL B 64 2.70 5.63 24.16
C VAL B 64 1.96 4.33 24.19
N VAL B 65 1.36 4.02 25.33
CA VAL B 65 0.56 2.83 25.50
C VAL B 65 -0.45 3.18 26.56
N SER B 66 -1.72 3.25 26.20
CA SER B 66 -2.77 3.58 27.17
C SER B 66 -3.89 2.60 27.11
N TYR B 67 -4.66 2.58 28.19
CA TYR B 67 -5.84 1.74 28.29
C TYR B 67 -6.92 2.74 28.66
N SER B 68 -8.17 2.40 28.39
CA SER B 68 -9.26 3.30 28.74
C SER B 68 -9.27 3.48 30.24
N GLY B 69 -9.26 4.73 30.68
CA GLY B 69 -9.29 5.02 32.10
C GLY B 69 -7.93 5.13 32.74
N SER B 70 -7.14 4.06 32.61
CA SER B 70 -5.80 4.03 33.19
C SER B 70 -4.79 4.91 32.44
N SER B 71 -3.77 5.37 33.15
CA SER B 71 -2.72 6.21 32.59
C SER B 71 -1.90 5.51 31.52
N SER B 72 -1.27 6.34 30.70
CA SER B 72 -0.43 5.92 29.61
C SER B 72 1.03 5.92 30.04
N THR B 73 1.88 5.17 29.34
CA THR B 73 3.28 5.15 29.65
C THR B 73 3.95 5.44 28.32
N THR B 74 4.83 6.43 28.29
CA THR B 74 5.51 6.82 27.08
C THR B 74 6.98 6.42 27.12
N VAL B 75 7.69 6.61 26.02
CA VAL B 75 9.09 6.26 25.95
C VAL B 75 9.61 6.79 24.65
N SER B 76 10.80 7.40 24.63
CA SER B 76 11.36 7.95 23.40
C SER B 76 12.83 7.60 23.28
N TYR B 77 13.42 8.00 22.16
CA TYR B 77 14.82 7.77 21.90
C TYR B 77 15.16 8.62 20.71
N ASP B 78 16.13 9.50 20.85
CA ASP B 78 16.51 10.34 19.75
C ASP B 78 17.40 9.53 18.85
N VAL B 79 17.02 9.45 17.58
CA VAL B 79 17.79 8.70 16.59
C VAL B 79 17.50 9.18 15.18
N ASP B 80 18.48 9.05 14.29
CA ASP B 80 18.28 9.43 12.92
C ASP B 80 18.16 8.14 12.14
N LEU B 81 16.93 7.74 11.83
CA LEU B 81 16.69 6.51 11.11
C LEU B 81 17.35 6.46 9.75
N ASN B 82 17.70 7.62 9.18
CA ASN B 82 18.32 7.64 7.87
C ASN B 82 19.70 6.99 7.89
N ASN B 83 20.20 6.74 9.10
CA ASN B 83 21.50 6.10 9.24
C ASN B 83 21.34 4.67 9.67
N VAL B 84 20.19 4.34 10.23
CA VAL B 84 19.93 2.99 10.68
C VAL B 84 19.21 2.11 9.66
N LEU B 85 18.23 2.67 8.96
CA LEU B 85 17.43 1.91 7.99
C LEU B 85 17.76 2.13 6.53
N PRO B 86 17.39 1.16 5.68
CA PRO B 86 17.63 1.20 4.22
C PRO B 86 16.56 2.16 3.69
N GLU B 87 16.67 2.61 2.44
CA GLU B 87 15.64 3.52 1.91
C GLU B 87 14.27 2.85 1.86
N TRP B 88 14.24 1.61 1.40
CA TRP B 88 13.01 0.84 1.26
C TRP B 88 12.91 -0.17 2.34
N VAL B 89 11.75 -0.27 2.98
CA VAL B 89 11.54 -1.20 4.08
C VAL B 89 10.11 -1.72 4.09
N ARG B 90 9.81 -2.66 4.99
CA ARG B 90 8.45 -3.16 5.16
C ARG B 90 8.17 -2.96 6.64
N VAL B 91 6.94 -2.65 6.98
CA VAL B 91 6.57 -2.47 8.36
C VAL B 91 5.90 -3.75 8.79
N GLY B 92 5.62 -3.93 10.07
CA GLY B 92 4.99 -5.18 10.49
C GLY B 92 4.82 -5.24 12.00
N LEU B 93 4.24 -6.35 12.45
CA LEU B 93 4.01 -6.56 13.86
C LEU B 93 4.48 -7.98 14.08
N SER B 94 4.99 -8.27 15.29
CA SER B 94 5.44 -9.61 15.64
C SER B 94 5.09 -9.85 17.09
N ALA B 95 5.12 -11.12 17.48
CA ALA B 95 4.81 -11.52 18.85
C ALA B 95 5.37 -12.93 19.02
N THR B 96 5.43 -13.42 20.26
CA THR B 96 5.98 -14.76 20.52
C THR B 96 5.54 -15.25 21.87
N THR B 97 5.72 -16.55 22.08
CA THR B 97 5.46 -17.19 23.36
C THR B 97 6.62 -18.15 23.58
N GLY B 98 6.96 -18.40 24.83
CA GLY B 98 8.07 -19.30 25.09
C GLY B 98 7.54 -20.33 26.02
N LEU B 99 8.14 -20.42 27.19
CA LEU B 99 7.71 -21.37 28.19
C LEU B 99 6.34 -20.90 28.66
N TYR B 100 6.21 -19.59 28.81
CA TYR B 100 4.95 -19.01 29.24
C TYR B 100 4.31 -18.46 27.99
N LYS B 101 3.00 -18.19 28.07
CA LYS B 101 2.23 -17.70 26.94
C LYS B 101 1.15 -16.69 27.28
N GLU B 102 0.57 -16.11 26.24
CA GLU B 102 -0.47 -15.11 26.35
C GLU B 102 -1.04 -15.02 24.94
N THR B 103 -2.17 -14.35 24.77
CA THR B 103 -2.71 -14.19 23.42
C THR B 103 -2.12 -12.91 22.87
N ASN B 104 -1.70 -12.94 21.62
CA ASN B 104 -1.14 -11.74 21.00
C ASN B 104 -2.05 -11.28 19.85
N THR B 105 -3.27 -10.94 20.24
CA THR B 105 -4.33 -10.54 19.33
C THR B 105 -4.29 -9.06 18.93
N ILE B 106 -4.17 -8.82 17.61
CA ILE B 106 -4.17 -7.46 17.07
C ILE B 106 -5.57 -7.20 16.52
N LEU B 107 -6.24 -6.18 17.06
CA LEU B 107 -7.60 -5.79 16.68
C LEU B 107 -7.71 -4.74 15.58
N SER B 108 -6.68 -3.89 15.46
CA SER B 108 -6.66 -2.81 14.46
C SER B 108 -5.23 -2.37 14.20
N TRP B 109 -4.98 -1.75 13.05
CA TRP B 109 -3.63 -1.34 12.73
C TRP B 109 -3.61 -0.30 11.60
N SER B 110 -2.96 0.83 11.83
CA SER B 110 -2.84 1.88 10.83
C SER B 110 -1.38 2.21 10.73
N PHE B 111 -1.05 2.93 9.67
CA PHE B 111 0.29 3.35 9.40
C PHE B 111 0.21 4.41 8.33
N THR B 112 1.01 5.45 8.47
CA THR B 112 1.04 6.53 7.52
C THR B 112 2.49 7.02 7.42
N SER B 113 2.98 7.12 6.21
CA SER B 113 4.32 7.58 5.98
C SER B 113 4.19 8.72 4.98
N LYS B 114 5.06 9.72 5.10
CA LYS B 114 5.04 10.84 4.18
C LYS B 114 6.48 11.15 3.92
N LEU B 115 6.83 11.43 2.67
CA LEU B 115 8.20 11.74 2.26
C LEU B 115 8.12 13.06 1.53
N LYS B 116 8.41 14.18 2.23
CA LYS B 116 8.30 15.51 1.66
C LYS B 116 9.42 16.06 0.84
N THR B 117 9.15 17.25 0.33
CA THR B 117 10.05 18.06 -0.48
C THR B 117 9.53 19.52 -0.43
N ASN B 118 9.72 20.26 -1.52
CA ASN B 118 9.34 21.67 -1.59
C ASN B 118 7.88 22.08 -1.85
N SER B 119 6.95 21.55 -1.05
CA SER B 119 5.52 21.89 -1.16
C SER B 119 4.64 21.02 -0.26
N ILE B 120 3.34 21.32 -0.29
CA ILE B 120 2.34 20.57 0.46
C ILE B 120 1.85 19.53 -0.56
N ALA B 121 2.82 18.76 -1.05
CA ALA B 121 2.59 17.74 -2.02
C ALA B 121 3.71 16.76 -1.75
N ASP B 122 3.43 15.82 -0.84
CA ASP B 122 4.40 14.80 -0.44
C ASP B 122 4.78 13.95 -1.66
N ALA B 123 6.02 14.07 -2.12
CA ALA B 123 6.53 13.31 -3.27
C ALA B 123 6.16 11.84 -3.15
N ASN B 124 5.72 11.47 -1.98
CA ASN B 124 5.28 10.13 -1.72
C ASN B 124 4.48 10.19 -0.45
N SER B 125 3.56 9.26 -0.31
CA SER B 125 2.71 9.15 0.87
C SER B 125 2.20 7.70 0.77
N LEU B 126 1.90 7.10 1.89
CA LEU B 126 1.44 5.72 1.87
C LEU B 126 0.64 5.64 3.13
N HIS B 127 -0.52 5.01 3.06
CA HIS B 127 -1.38 4.87 4.22
C HIS B 127 -2.22 3.64 4.10
N PHE B 128 -2.37 2.93 5.20
CA PHE B 128 -3.23 1.78 5.20
C PHE B 128 -3.87 1.80 6.55
N SER B 129 -5.03 1.17 6.66
CA SER B 129 -5.78 1.16 7.90
C SER B 129 -6.72 -0.02 7.93
N PHE B 130 -6.66 -0.79 9.01
CA PHE B 130 -7.46 -1.95 9.18
C PHE B 130 -8.23 -1.85 10.47
N HIS B 131 -9.54 -2.03 10.43
CA HIS B 131 -10.32 -1.97 11.64
C HIS B 131 -10.82 -3.38 11.93
N GLN B 132 -10.61 -4.26 10.97
CA GLN B 132 -10.98 -5.66 11.11
C GLN B 132 -10.17 -6.30 10.02
N PHE B 133 -9.83 -7.57 10.20
CA PHE B 133 -9.02 -8.30 9.25
C PHE B 133 -9.77 -9.36 8.46
N SER B 134 -9.56 -9.32 7.15
CA SER B 134 -10.20 -10.24 6.24
C SER B 134 -9.70 -11.64 6.57
N GLN B 135 -10.52 -12.65 6.32
CA GLN B 135 -10.13 -14.02 6.61
C GLN B 135 -9.05 -14.54 5.67
N ASN B 136 -8.65 -13.71 4.72
CA ASN B 136 -7.60 -14.07 3.79
C ASN B 136 -7.01 -12.74 3.34
N PRO B 137 -6.30 -12.04 4.24
CA PRO B 137 -5.74 -10.76 3.85
C PRO B 137 -4.72 -11.00 2.77
N LYS B 138 -4.99 -10.46 1.60
CA LYS B 138 -4.07 -10.63 0.50
C LYS B 138 -3.08 -9.49 0.49
N ASP B 139 -3.22 -8.59 1.47
CA ASP B 139 -2.29 -7.48 1.55
C ASP B 139 -1.28 -7.63 2.68
N LEU B 140 -1.47 -8.64 3.53
CA LEU B 140 -0.56 -8.93 4.63
C LEU B 140 0.32 -10.11 4.23
N ILE B 141 1.54 -10.13 4.74
CA ILE B 141 2.46 -11.24 4.54
C ILE B 141 2.40 -11.90 5.90
N LEU B 142 1.93 -13.13 5.96
CA LEU B 142 1.88 -13.78 7.25
C LEU B 142 3.04 -14.74 7.35
N GLN B 143 3.85 -14.51 8.38
CA GLN B 143 5.01 -15.34 8.66
C GLN B 143 4.80 -16.08 9.97
N GLY B 144 5.22 -17.33 9.99
CA GLY B 144 5.05 -18.08 11.21
C GLY B 144 3.62 -18.48 11.48
N ASP B 145 3.20 -18.40 12.73
CA ASP B 145 1.85 -18.81 13.14
C ASP B 145 0.81 -17.75 13.06
N ALA B 146 1.15 -16.63 12.43
CA ALA B 146 0.21 -15.55 12.30
C ALA B 146 -0.97 -16.02 11.44
N PHE B 147 -2.19 -15.70 11.89
CA PHE B 147 -3.40 -16.06 11.16
C PHE B 147 -4.57 -15.16 11.62
N THR B 148 -5.44 -14.79 10.69
CA THR B 148 -6.59 -13.95 11.01
C THR B 148 -7.71 -14.91 11.30
N ASP B 149 -8.43 -14.66 12.38
CA ASP B 149 -9.52 -15.53 12.76
C ASP B 149 -10.89 -15.13 12.23
N SER B 150 -11.89 -15.90 12.64
CA SER B 150 -13.28 -15.72 12.27
C SER B 150 -13.88 -14.40 12.71
N ASP B 151 -13.32 -13.83 13.78
CA ASP B 151 -13.80 -12.56 14.29
C ASP B 151 -13.15 -11.38 13.63
N GLY B 152 -12.21 -11.64 12.73
CA GLY B 152 -11.53 -10.55 12.05
C GLY B 152 -10.49 -9.87 12.92
N ASN B 153 -9.75 -10.70 13.66
CA ASN B 153 -8.68 -10.26 14.55
C ASN B 153 -7.43 -10.97 14.07
N LEU B 154 -6.31 -10.25 14.00
CA LEU B 154 -5.05 -10.86 13.60
C LEU B 154 -4.51 -11.59 14.82
N GLU B 155 -4.08 -12.84 14.64
CA GLU B 155 -3.53 -13.63 15.74
C GLU B 155 -2.07 -13.93 15.42
N LEU B 156 -1.18 -13.13 16.01
CA LEU B 156 0.24 -13.29 15.77
C LEU B 156 0.79 -14.65 16.21
N THR B 157 0.26 -15.21 17.30
CA THR B 157 0.72 -16.49 17.80
C THR B 157 -0.43 -17.48 18.02
N LYS B 158 -0.13 -18.77 17.86
CA LYS B 158 -1.12 -19.83 18.01
C LYS B 158 -1.99 -19.76 19.24
N VAL B 159 -3.28 -20.00 19.04
CA VAL B 159 -4.26 -20.07 20.10
C VAL B 159 -5.09 -21.26 19.68
N SER B 160 -5.88 -21.78 20.61
CA SER B 160 -6.72 -22.91 20.31
C SER B 160 -8.10 -22.38 19.94
N SER B 161 -8.96 -23.29 19.52
CA SER B 161 -10.35 -22.99 19.15
C SER B 161 -11.07 -22.41 20.36
N SER B 162 -10.79 -23.01 21.52
CA SER B 162 -11.36 -22.60 22.79
C SER B 162 -10.82 -21.22 23.17
N GLY B 163 -9.81 -20.76 22.46
CA GLY B 163 -9.22 -19.46 22.73
C GLY B 163 -7.89 -19.47 23.45
N ASP B 164 -7.56 -20.57 24.12
CA ASP B 164 -6.31 -20.70 24.88
C ASP B 164 -5.03 -20.43 24.08
N PRO B 165 -4.08 -19.68 24.66
CA PRO B 165 -2.82 -19.35 24.00
C PRO B 165 -1.91 -20.56 24.03
N GLN B 166 -1.03 -20.69 23.05
CA GLN B 166 -0.10 -21.80 23.01
C GLN B 166 1.33 -21.33 23.30
N GLY B 167 2.15 -22.23 23.81
CA GLY B 167 3.53 -21.85 24.08
C GLY B 167 4.36 -21.90 22.82
N ASN B 168 5.63 -21.59 22.95
CA ASN B 168 6.57 -21.64 21.84
C ASN B 168 6.13 -21.20 20.44
N SER B 169 5.31 -20.16 20.33
CA SER B 169 4.93 -19.70 18.99
C SER B 169 5.51 -18.33 18.62
N VAL B 170 5.90 -18.22 17.35
CA VAL B 170 6.48 -17.00 16.78
C VAL B 170 5.50 -16.58 15.71
N GLY B 171 5.19 -15.29 15.61
CA GLY B 171 4.29 -14.84 14.57
C GLY B 171 4.60 -13.46 14.04
N ARG B 172 4.50 -13.28 12.72
CA ARG B 172 4.77 -11.98 12.10
C ARG B 172 3.82 -11.69 10.95
N ALA B 173 3.49 -10.42 10.78
CA ALA B 173 2.57 -9.96 9.73
C ALA B 173 3.11 -8.65 9.18
N LEU B 174 3.54 -8.65 7.93
CA LEU B 174 4.09 -7.43 7.32
C LEU B 174 3.13 -6.85 6.28
N PHE B 175 3.01 -5.52 6.19
CA PHE B 175 2.15 -4.98 5.15
C PHE B 175 2.86 -5.37 3.83
N TYR B 176 2.10 -5.67 2.79
CA TYR B 176 2.65 -6.12 1.52
C TYR B 176 3.56 -5.19 0.75
N ALA B 177 3.25 -3.92 0.72
CA ALA B 177 4.04 -3.02 -0.07
C ALA B 177 5.25 -2.40 0.62
N PRO B 178 6.36 -2.31 -0.09
CA PRO B 178 7.56 -1.71 0.46
C PRO B 178 7.26 -0.23 0.68
N VAL B 179 7.64 0.28 1.84
CA VAL B 179 7.47 1.69 2.15
C VAL B 179 8.79 2.39 1.85
N HIS B 180 8.74 3.53 1.19
CA HIS B 180 9.95 4.26 0.86
C HIS B 180 10.11 5.17 2.05
N ILE B 181 10.81 4.68 3.06
CA ILE B 181 10.99 5.37 4.34
C ILE B 181 11.84 6.64 4.34
N TRP B 182 12.75 6.77 3.38
CA TRP B 182 13.57 7.98 3.23
C TRP B 182 14.22 7.96 1.85
N GLU B 183 14.73 9.11 1.42
CA GLU B 183 15.40 9.23 0.14
C GLU B 183 16.30 10.43 0.23
N LYS B 184 17.41 10.37 -0.49
CA LYS B 184 18.42 11.41 -0.51
C LYS B 184 17.94 12.87 -0.64
N SER B 185 17.14 13.12 -1.64
CA SER B 185 16.65 14.46 -1.90
C SER B 185 15.58 14.96 -0.92
N ALA B 186 15.00 14.04 -0.14
CA ALA B 186 13.93 14.39 0.80
C ALA B 186 14.26 15.51 1.76
N VAL B 187 13.25 16.32 2.07
CA VAL B 187 13.39 17.43 3.00
C VAL B 187 12.92 16.92 4.34
N VAL B 188 11.72 16.35 4.39
CA VAL B 188 11.18 15.81 5.63
C VAL B 188 10.74 14.40 5.35
N ALA B 189 10.77 13.52 6.34
CA ALA B 189 10.31 12.17 6.16
C ALA B 189 9.72 11.79 7.50
N SER B 190 8.41 11.48 7.56
CA SER B 190 7.78 11.15 8.83
C SER B 190 6.96 9.87 8.77
N PHE B 191 6.44 9.44 9.91
CA PHE B 191 5.60 8.25 9.94
C PHE B 191 4.88 8.10 11.26
N ASP B 192 3.66 7.61 11.21
CA ASP B 192 2.85 7.41 12.41
C ASP B 192 2.27 6.02 12.31
N ALA B 193 1.81 5.47 13.41
CA ALA B 193 1.25 4.16 13.35
C ALA B 193 0.50 3.90 14.62
N THR B 194 -0.49 3.01 14.54
CA THR B 194 -1.29 2.70 15.69
C THR B 194 -1.75 1.27 15.60
N PHE B 195 -1.85 0.63 16.74
CA PHE B 195 -2.38 -0.70 16.73
C PHE B 195 -3.03 -0.85 18.06
N THR B 196 -3.98 -1.77 18.09
CA THR B 196 -4.74 -2.04 19.28
C THR B 196 -4.57 -3.53 19.45
N PHE B 197 -4.36 -3.93 20.68
CA PHE B 197 -4.06 -5.32 20.96
C PHE B 197 -4.78 -5.71 22.21
N LEU B 198 -4.94 -7.01 22.37
CA LEU B 198 -5.57 -7.57 23.56
C LEU B 198 -4.72 -8.77 23.99
N ILE B 199 -4.22 -8.73 25.24
CA ILE B 199 -3.39 -9.81 25.78
C ILE B 199 -4.13 -10.48 26.91
N LYS B 200 -4.23 -11.78 26.79
CA LYS B 200 -4.89 -12.60 27.79
C LYS B 200 -3.96 -13.75 28.11
N SER B 201 -3.97 -14.14 29.37
CA SER B 201 -3.11 -15.23 29.76
C SER B 201 -3.57 -15.90 31.03
N PRO B 202 -3.38 -17.22 31.10
CA PRO B 202 -3.71 -18.10 32.21
C PRO B 202 -2.53 -18.24 33.18
N ASP B 203 -1.34 -17.94 32.66
CA ASP B 203 -0.11 -18.01 33.45
C ASP B 203 0.03 -16.85 34.40
N ARG B 204 0.59 -17.12 35.56
CA ARG B 204 0.81 -16.10 36.58
C ARG B 204 1.70 -15.03 35.97
N GLU B 205 2.53 -15.43 35.01
CA GLU B 205 3.43 -14.52 34.34
C GLU B 205 3.39 -14.75 32.82
N PRO B 206 2.65 -13.92 32.09
CA PRO B 206 2.56 -14.06 30.63
C PRO B 206 3.85 -13.69 29.94
N ALA B 207 4.09 -14.31 28.79
CA ALA B 207 5.28 -14.05 28.00
C ALA B 207 4.78 -14.13 26.58
N ASP B 208 5.45 -13.49 25.61
CA ASP B 208 6.66 -12.72 25.80
C ASP B 208 6.46 -11.24 25.44
N GLY B 209 5.62 -11.00 24.43
CA GLY B 209 5.34 -9.62 24.05
C GLY B 209 5.00 -9.41 22.60
N ILE B 210 4.68 -8.17 22.28
CA ILE B 210 4.32 -7.79 20.93
C ILE B 210 5.27 -6.69 20.53
N THR B 211 5.56 -6.59 19.24
CA THR B 211 6.39 -5.52 18.76
C THR B 211 5.82 -5.02 17.44
N PHE B 212 6.08 -3.77 17.14
CA PHE B 212 5.71 -3.21 15.85
C PHE B 212 7.15 -3.00 15.33
N PHE B 213 7.51 -3.53 14.18
CA PHE B 213 8.86 -3.32 13.71
C PHE B 213 8.97 -2.80 12.31
N ILE B 214 10.14 -2.29 11.96
CA ILE B 214 10.39 -1.75 10.64
C ILE B 214 11.64 -2.47 10.21
N ALA B 215 11.59 -3.17 9.10
CA ALA B 215 12.75 -3.93 8.69
C ALA B 215 13.10 -3.73 7.24
N ASN B 216 14.02 -4.55 6.75
CA ASN B 216 14.42 -4.49 5.36
C ASN B 216 13.33 -5.32 4.66
N THR B 217 13.04 -4.96 3.41
CA THR B 217 11.98 -5.60 2.64
C THR B 217 11.96 -7.08 2.66
N ASP B 218 13.12 -7.71 2.66
CA ASP B 218 13.17 -9.15 2.64
C ASP B 218 13.23 -9.79 4.02
N THR B 219 12.90 -9.03 5.05
CA THR B 219 12.93 -9.55 6.42
C THR B 219 12.20 -10.87 6.54
N SER B 220 12.53 -11.64 7.58
CA SER B 220 11.92 -12.96 7.82
C SER B 220 12.31 -13.45 9.21
N ILE B 221 11.43 -14.21 9.84
CA ILE B 221 11.67 -14.74 11.17
C ILE B 221 13.04 -15.40 11.24
N PRO B 222 13.97 -14.83 12.01
CA PRO B 222 15.29 -15.45 12.07
C PRO B 222 15.21 -16.71 12.93
N SER B 223 16.03 -17.69 12.61
CA SER B 223 16.05 -18.95 13.34
C SER B 223 16.48 -18.71 14.79
N GLY B 224 15.76 -19.36 15.71
CA GLY B 224 16.09 -19.23 17.11
C GLY B 224 15.71 -17.88 17.71
N SER B 225 14.73 -17.23 17.11
CA SER B 225 14.29 -15.94 17.61
C SER B 225 13.05 -16.04 18.48
N GLY B 226 12.66 -17.25 18.86
CA GLY B 226 11.48 -17.42 19.70
C GLY B 226 11.58 -16.78 21.07
N GLY B 227 10.53 -16.93 21.87
CA GLY B 227 10.52 -16.37 23.21
C GLY B 227 10.99 -14.92 23.36
N ARG B 228 11.90 -14.72 24.31
CA ARG B 228 12.45 -13.41 24.63
C ARG B 228 13.02 -12.61 23.48
N LEU B 229 13.40 -13.27 22.39
CA LEU B 229 13.95 -12.55 21.24
C LEU B 229 12.84 -12.00 20.30
N LEU B 230 11.58 -12.23 20.69
CA LEU B 230 10.37 -11.77 19.97
C LEU B 230 10.35 -11.85 18.42
N GLY B 231 10.83 -12.94 17.83
CA GLY B 231 10.82 -13.06 16.39
C GLY B 231 11.58 -11.99 15.59
N LEU B 232 12.38 -11.15 16.23
CA LEU B 232 13.10 -10.14 15.48
C LEU B 232 14.59 -10.41 15.33
N PHE B 233 15.21 -10.92 16.40
CA PHE B 233 16.65 -11.16 16.35
C PHE B 233 17.03 -12.61 16.58
N PRO B 234 18.10 -13.06 15.92
CA PRO B 234 18.66 -14.43 15.97
C PRO B 234 19.35 -14.76 17.29
N ASP B 235 19.83 -13.72 17.98
CA ASP B 235 20.52 -13.86 19.25
C ASP B 235 20.30 -12.59 20.08
N ALA B 236 20.67 -12.66 21.36
CA ALA B 236 20.51 -11.54 22.28
C ALA B 236 21.68 -10.57 22.34
N ASN B 237 22.37 -10.37 21.24
CA ASN B 237 23.50 -9.46 21.22
C ASN B 237 23.08 -8.02 21.19
C1 MMA C . -5.03 -0.87 -40.23
C2 MMA C . -6.13 0.04 -39.73
C3 MMA C . -5.61 1.46 -39.60
C4 MMA C . -4.30 1.50 -38.79
C5 MMA C . -3.29 0.46 -39.26
C6 MMA C . -2.07 0.32 -38.36
C7 MMA C . -3.58 -1.22 -42.07
O1 MMA C . -4.57 -0.39 -41.51
O2 MMA C . -6.63 -0.43 -38.49
O3 MMA C . -6.60 2.27 -38.94
O4 MMA C . -3.72 2.80 -38.91
O5 MMA C . -3.92 -0.83 -39.34
O6 MMA C . -2.43 -0.41 -37.17
C1 MAN C . -7.24 3.20 -39.74
C2 MAN C . -8.10 4.10 -38.90
C3 MAN C . -9.31 3.36 -38.36
C4 MAN C . -10.06 2.70 -39.52
C5 MAN C . -9.13 1.79 -40.29
C6 MAN C . -9.75 1.13 -41.50
O2 MAN C . -8.55 5.22 -39.65
O3 MAN C . -10.20 4.29 -37.71
O4 MAN C . -11.16 1.97 -38.98
O5 MAN C . -7.98 2.58 -40.77
O6 MAN C . -9.99 2.10 -42.52
C1 MAN C . -1.47 -0.28 -36.15
C2 MAN C . -1.85 -1.20 -34.99
C3 MAN C . -3.13 -0.70 -34.36
C4 MAN C . -2.91 0.69 -33.88
C5 MAN C . -2.51 1.59 -35.04
C6 MAN C . -2.20 3.03 -34.64
O2 MAN C . -0.81 -1.14 -34.03
O3 MAN C . -3.52 -1.53 -33.28
O4 MAN C . -4.12 1.14 -33.32
O5 MAN C . -1.35 1.07 -35.70
O6 MAN C . -0.93 3.13 -34.02
C1 MMA D . 15.64 -19.80 31.50
C2 MMA D . 15.64 -18.40 32.11
C3 MMA D . 14.28 -18.07 32.73
C4 MMA D . 13.11 -18.44 31.81
C5 MMA D . 13.26 -19.84 31.20
C6 MMA D . 12.23 -20.16 30.11
C7 MMA D . 15.71 -22.08 32.05
O1 MMA D . 15.51 -20.78 32.52
O2 MMA D . 15.99 -17.43 31.12
O3 MMA D . 14.24 -16.66 32.99
O4 MMA D . 11.90 -18.38 32.54
O5 MMA D . 14.56 -19.95 30.59
O6 MMA D . 12.66 -19.62 28.84
C1 MAN D . 14.21 -16.25 34.32
C2 MAN D . 13.80 -14.77 34.38
C3 MAN D . 14.89 -13.88 33.76
C4 MAN D . 16.27 -14.21 34.36
C5 MAN D . 16.55 -15.71 34.27
C6 MAN D . 17.83 -16.10 34.97
O2 MAN D . 13.56 -14.38 35.71
O3 MAN D . 14.57 -12.52 33.99
O4 MAN D . 17.30 -13.48 33.66
O5 MAN D . 15.48 -16.44 34.93
O6 MAN D . 17.64 -16.20 36.37
C1 MAN D . 11.70 -19.71 27.82
C2 MAN D . 12.28 -19.18 26.53
C3 MAN D . 12.60 -17.70 26.67
C4 MAN D . 11.34 -16.94 27.09
C5 MAN D . 10.69 -17.58 28.31
C6 MAN D . 9.33 -16.99 28.65
O2 MAN D . 11.34 -19.36 25.49
O3 MAN D . 13.06 -17.20 25.42
O4 MAN D . 11.72 -15.62 27.41
O5 MAN D . 10.51 -19.00 28.13
O6 MAN D . 8.28 -17.77 28.09
CA CA E . -7.98 3.51 -30.40
MN MN F . -11.56 3.84 -27.41
CA CA G . 11.39 -10.29 27.64
MN MN H . 12.54 -5.88 26.81
#